data_7V6P
#
_entry.id   7V6P
#
_cell.length_a   96.833
_cell.length_b   96.833
_cell.length_c   209.333
_cell.angle_alpha   90.00
_cell.angle_beta   90.00
_cell.angle_gamma   120.00
#
_symmetry.space_group_name_H-M   'P 62 2 2'
#
loop_
_entity.id
_entity.type
_entity.pdbx_description
1 polymer 'Isoform 2 of Nuclear autoantigenic sperm protein'
2 non-polymer GLYCEROL
3 non-polymer 'CALCIUM ION'
4 non-polymer DI(HYDROXYETHYL)ETHER
5 water water
#
_entity_poly.entity_id   1
_entity_poly.type   'polypeptide(L)'
_entity_poly.pdbx_seq_one_letter_code
;DPDSEAKKLLGLGQKHLVMGDIPAAVNAFQEAASLLGKKYGETANECGEAFFFYGKSLLELARMENGVLGNALEGVHVEE
EEGEKTEDESLVENNDNIDETEGSEEDDKENDKTEEMPNDSVLENKSLQENEEEEIGNLELAWDMLDLAKIIFKRQETKE
AQLYAAQAHLKLGEVSVESENYVQAVEEFQSCLNLQEQYLEAHDRLLAETHYQLGLAYGYNSQYDEAVAQFSKSIEVIEN
RMAVLNEQVKEAEGSSAEYKKEIEELKELLPEIREKIEDAKES
;
_entity_poly.pdbx_strand_id   A
#
loop_
_chem_comp.id
_chem_comp.type
_chem_comp.name
_chem_comp.formula
CA non-polymer 'CALCIUM ION' 'Ca 2'
GOL non-polymer GLYCEROL 'C3 H8 O3'
PEG non-polymer DI(HYDROXYETHYL)ETHER 'C4 H10 O3'
#
# COMPACT_ATOMS: atom_id res chain seq x y z
N ASP A 1 -5.57 23.35 -12.02
CA ASP A 1 -5.25 22.75 -13.31
C ASP A 1 -6.52 22.18 -13.97
N PRO A 2 -6.48 21.91 -15.28
CA PRO A 2 -7.67 21.35 -15.95
C PRO A 2 -7.96 19.91 -15.57
N ASP A 3 -6.96 19.20 -15.04
CA ASP A 3 -7.11 17.84 -14.56
C ASP A 3 -7.97 17.75 -13.31
N SER A 4 -8.18 18.87 -12.59
CA SER A 4 -8.89 18.83 -11.31
C SER A 4 -10.22 18.09 -11.44
N GLU A 5 -10.93 18.35 -12.53
CA GLU A 5 -12.23 17.75 -12.75
C GLU A 5 -12.17 16.22 -12.61
N ALA A 6 -11.05 15.63 -13.06
CA ALA A 6 -10.83 14.19 -12.89
C ALA A 6 -10.21 13.83 -11.55
N LYS A 7 -9.29 14.65 -11.02
CA LYS A 7 -8.72 14.33 -9.70
C LYS A 7 -9.82 14.26 -8.64
N LYS A 8 -10.84 15.09 -8.80
CA LYS A 8 -12.06 14.97 -7.99
C LYS A 8 -12.52 13.52 -7.91
N LEU A 9 -12.77 12.90 -9.08
CA LEU A 9 -13.26 11.53 -9.07
C LEU A 9 -12.25 10.57 -8.44
N LEU A 10 -10.94 10.86 -8.55
CA LEU A 10 -9.97 10.02 -7.88
C LEU A 10 -10.22 9.98 -6.38
N GLY A 11 -10.54 11.13 -5.79
CA GLY A 11 -10.98 11.14 -4.40
C GLY A 11 -12.28 10.36 -4.22
N LEU A 12 -13.28 10.65 -5.05
CA LEU A 12 -14.62 10.12 -4.80
C LEU A 12 -14.63 8.60 -4.96
N GLY A 13 -13.71 8.06 -5.76
CA GLY A 13 -13.55 6.61 -5.80
C GLY A 13 -12.91 6.07 -4.54
N GLN A 14 -11.78 6.68 -4.11
CA GLN A 14 -11.04 6.14 -2.97
C GLN A 14 -11.88 6.21 -1.70
N LYS A 15 -12.58 7.33 -1.50
CA LYS A 15 -13.65 7.44 -0.52
C LYS A 15 -14.54 6.20 -0.52
N HIS A 16 -15.15 5.88 -1.67
CA HIS A 16 -16.05 4.72 -1.74
C HIS A 16 -15.33 3.43 -1.36
N LEU A 17 -14.03 3.31 -1.64
CA LEU A 17 -13.26 2.17 -1.15
C LEU A 17 -13.36 2.04 0.36
N VAL A 18 -13.03 3.11 1.09
CA VAL A 18 -13.19 3.09 2.53
C VAL A 18 -14.66 3.08 2.95
N MET A 19 -15.58 3.34 2.02
CA MET A 19 -17.00 3.17 2.28
C MET A 19 -17.47 1.75 2.04
N GLY A 20 -16.75 0.99 1.21
CA GLY A 20 -17.22 -0.31 0.80
C GLY A 20 -18.21 -0.31 -0.35
N ASP A 21 -18.55 0.85 -0.91
CA ASP A 21 -19.38 0.89 -2.11
C ASP A 21 -18.48 0.65 -3.32
N ILE A 22 -18.54 -0.55 -3.85
CA ILE A 22 -17.56 -0.95 -4.85
C ILE A 22 -17.99 -0.45 -6.22
N PRO A 23 -19.19 -0.76 -6.74
CA PRO A 23 -19.47 -0.35 -8.13
C PRO A 23 -19.44 1.16 -8.32
N ALA A 24 -19.66 1.92 -7.24
CA ALA A 24 -19.50 3.36 -7.31
C ALA A 24 -18.03 3.76 -7.45
N ALA A 25 -17.15 3.13 -6.66
CA ALA A 25 -15.71 3.37 -6.82
C ALA A 25 -15.24 2.95 -8.22
N VAL A 26 -15.80 1.87 -8.75
CA VAL A 26 -15.50 1.46 -10.11
C VAL A 26 -15.89 2.54 -11.10
N ASN A 27 -17.12 3.08 -11.00
CA ASN A 27 -17.54 4.09 -11.96
C ASN A 27 -16.73 5.38 -11.82
N ALA A 28 -16.41 5.79 -10.59
CA ALA A 28 -15.54 6.95 -10.39
C ALA A 28 -14.18 6.76 -11.05
N PHE A 29 -13.54 5.62 -10.78
CA PHE A 29 -12.23 5.36 -11.34
C PHE A 29 -12.29 5.26 -12.86
N GLN A 30 -13.34 4.62 -13.39
CA GLN A 30 -13.46 4.49 -14.83
C GLN A 30 -13.57 5.85 -15.49
N GLU A 31 -14.37 6.75 -14.92
CA GLU A 31 -14.53 8.08 -15.49
C GLU A 31 -13.21 8.86 -15.44
N ALA A 32 -12.54 8.83 -14.29
CA ALA A 32 -11.24 9.51 -14.21
C ALA A 32 -10.24 8.91 -15.19
N ALA A 33 -10.24 7.58 -15.32
CA ALA A 33 -9.30 6.93 -16.23
C ALA A 33 -9.59 7.32 -17.67
N SER A 34 -10.87 7.41 -18.02
CA SER A 34 -11.24 7.79 -19.37
C SER A 34 -10.82 9.23 -19.64
N LEU A 35 -11.04 10.11 -18.68
CA LEU A 35 -10.66 11.51 -18.86
C LEU A 35 -9.17 11.65 -19.07
N LEU A 36 -8.38 11.08 -18.16
CA LEU A 36 -6.92 11.20 -18.26
C LEU A 36 -6.38 10.51 -19.51
N GLY A 37 -6.94 9.37 -19.89
CA GLY A 37 -6.46 8.69 -21.08
C GLY A 37 -6.77 9.44 -22.36
N LYS A 38 -7.95 10.05 -22.43
CA LYS A 38 -8.28 10.89 -23.58
C LYS A 38 -7.34 12.08 -23.66
N LYS A 39 -7.05 12.73 -22.53
CA LYS A 39 -6.21 13.92 -22.56
C LYS A 39 -4.77 13.58 -22.92
N TYR A 40 -4.16 12.60 -22.23
CA TYR A 40 -2.71 12.45 -22.23
C TYR A 40 -2.20 11.23 -22.96
N GLY A 41 -3.08 10.33 -23.38
CA GLY A 41 -2.67 9.13 -24.06
C GLY A 41 -2.77 7.91 -23.16
N GLU A 42 -2.50 6.76 -23.76
CA GLU A 42 -2.73 5.47 -23.13
C GLU A 42 -1.58 5.04 -22.24
N THR A 43 -0.43 5.72 -22.28
CA THR A 43 0.73 5.30 -21.52
C THR A 43 1.34 6.44 -20.71
N ALA A 44 0.64 7.55 -20.57
CA ALA A 44 1.21 8.74 -19.95
C ALA A 44 1.40 8.57 -18.44
N ASN A 45 2.45 9.20 -17.93
CA ASN A 45 2.64 9.29 -16.48
C ASN A 45 1.34 9.73 -15.78
N GLU A 46 0.69 10.77 -16.31
CA GLU A 46 -0.55 11.28 -15.76
C GLU A 46 -1.61 10.21 -15.50
N CYS A 47 -1.54 9.04 -16.16
CA CYS A 47 -2.58 8.03 -16.00
C CYS A 47 -2.20 6.89 -15.07
N GLY A 48 -0.93 6.80 -14.65
CA GLY A 48 -0.49 5.70 -13.82
C GLY A 48 -1.43 5.41 -12.68
N GLU A 49 -1.48 6.32 -11.70
CA GLU A 49 -2.35 6.15 -10.56
C GLU A 49 -3.77 5.82 -11.01
N ALA A 50 -4.32 6.60 -11.95
CA ALA A 50 -5.71 6.35 -12.34
C ALA A 50 -5.88 4.91 -12.79
N PHE A 51 -5.05 4.45 -13.72
CA PHE A 51 -5.25 3.12 -14.28
C PHE A 51 -5.07 2.05 -13.22
N PHE A 52 -4.20 2.30 -12.24
CA PHE A 52 -4.04 1.33 -11.16
C PHE A 52 -5.33 1.20 -10.35
N PHE A 53 -5.92 2.33 -9.95
CA PHE A 53 -7.03 2.25 -9.01
C PHE A 53 -8.24 1.63 -9.66
N TYR A 54 -8.58 2.08 -10.87
CA TYR A 54 -9.55 1.39 -11.69
C TYR A 54 -9.29 -0.12 -11.69
N GLY A 55 -8.08 -0.53 -12.07
CA GLY A 55 -7.75 -1.95 -12.07
C GLY A 55 -8.04 -2.60 -10.75
N LYS A 56 -7.52 -2.01 -9.66
CA LYS A 56 -7.71 -2.63 -8.35
C LYS A 56 -9.19 -2.77 -8.04
N SER A 57 -9.96 -1.71 -8.29
CA SER A 57 -11.38 -1.77 -7.95
C SER A 57 -12.08 -2.85 -8.77
N LEU A 58 -11.70 -2.99 -10.04
CA LEU A 58 -12.30 -4.02 -10.87
C LEU A 58 -12.06 -5.39 -10.28
N LEU A 59 -10.84 -5.63 -9.77
CA LEU A 59 -10.56 -6.88 -9.10
C LEU A 59 -11.54 -7.10 -7.96
N GLU A 60 -11.68 -6.10 -7.08
CA GLU A 60 -12.64 -6.20 -5.99
C GLU A 60 -14.04 -6.43 -6.52
N LEU A 61 -14.39 -5.78 -7.63
CA LEU A 61 -15.74 -5.90 -8.15
C LEU A 61 -15.99 -7.31 -8.67
N ALA A 62 -14.93 -8.01 -9.08
CA ALA A 62 -15.10 -9.40 -9.47
C ALA A 62 -15.05 -10.34 -8.29
N ARG A 63 -14.53 -9.87 -7.16
CA ARG A 63 -14.51 -10.66 -5.95
C ARG A 63 -15.87 -10.69 -5.26
N MET A 64 -16.61 -9.58 -5.39
CA MET A 64 -17.97 -9.51 -4.84
C MET A 64 -18.86 -10.57 -5.45
N GLU A 65 -18.67 -10.88 -6.73
CA GLU A 65 -19.50 -11.81 -7.48
C GLU A 65 -19.02 -13.25 -7.26
N ASN A 66 -18.97 -13.63 -5.98
CA ASN A 66 -18.54 -14.96 -5.56
C ASN A 66 -19.24 -15.38 -4.27
N GLU A 130 -26.62 -17.57 -14.57
CA GLU A 130 -25.23 -18.03 -14.55
C GLU A 130 -24.25 -16.90 -14.83
N ASN A 131 -24.04 -16.04 -13.82
CA ASN A 131 -23.22 -14.84 -13.94
C ASN A 131 -21.71 -15.10 -13.86
N GLU A 132 -21.23 -16.07 -14.63
CA GLU A 132 -19.80 -16.37 -14.65
C GLU A 132 -19.02 -15.47 -15.61
N GLU A 133 -19.62 -15.07 -16.74
CA GLU A 133 -18.96 -14.17 -17.67
C GLU A 133 -18.76 -12.78 -17.07
N GLU A 134 -19.50 -12.45 -16.01
CA GLU A 134 -19.37 -11.14 -15.36
C GLU A 134 -18.00 -10.99 -14.72
N GLU A 135 -17.67 -11.90 -13.78
CA GLU A 135 -16.36 -11.83 -13.13
C GLU A 135 -15.23 -12.09 -14.11
N ILE A 136 -15.45 -12.93 -15.14
CA ILE A 136 -14.42 -13.15 -16.15
C ILE A 136 -14.05 -11.84 -16.82
N GLY A 137 -15.05 -11.12 -17.33
CA GLY A 137 -14.79 -9.86 -18.01
C GLY A 137 -14.20 -8.81 -17.09
N ASN A 138 -14.68 -8.77 -15.83
CA ASN A 138 -14.07 -7.86 -14.88
C ASN A 138 -12.60 -8.20 -14.64
N LEU A 139 -12.25 -9.48 -14.63
CA LEU A 139 -10.86 -9.83 -14.38
C LEU A 139 -9.99 -9.52 -15.59
N GLU A 140 -10.48 -9.77 -16.81
CA GLU A 140 -9.70 -9.39 -17.98
C GLU A 140 -9.48 -7.88 -18.04
N LEU A 141 -10.50 -7.09 -17.69
CA LEU A 141 -10.29 -5.65 -17.67
C LEU A 141 -9.34 -5.24 -16.54
N ALA A 142 -9.52 -5.81 -15.35
CA ALA A 142 -8.57 -5.59 -14.27
C ALA A 142 -7.15 -5.80 -14.77
N TRP A 143 -6.94 -6.92 -15.47
CA TRP A 143 -5.60 -7.23 -15.95
C TRP A 143 -5.12 -6.17 -16.93
N ASP A 144 -5.95 -5.80 -17.91
CA ASP A 144 -5.53 -4.82 -18.91
C ASP A 144 -5.12 -3.50 -18.24
N MET A 145 -5.93 -3.05 -17.29
CA MET A 145 -5.67 -1.76 -16.67
C MET A 145 -4.43 -1.82 -15.78
N LEU A 146 -4.32 -2.87 -14.97
CA LEU A 146 -3.16 -3.01 -14.11
C LEU A 146 -1.88 -3.17 -14.91
N ASP A 147 -1.93 -3.86 -16.04
CA ASP A 147 -0.72 -4.00 -16.85
C ASP A 147 -0.30 -2.67 -17.43
N LEU A 148 -1.26 -1.86 -17.88
CA LEU A 148 -0.93 -0.51 -18.33
C LEU A 148 -0.27 0.27 -17.19
N ALA A 149 -0.89 0.19 -16.01
CA ALA A 149 -0.36 0.88 -14.85
C ALA A 149 1.07 0.45 -14.61
N LYS A 150 1.31 -0.87 -14.64
CA LYS A 150 2.64 -1.40 -14.38
C LYS A 150 3.66 -0.87 -15.38
N ILE A 151 3.32 -0.82 -16.67
CA ILE A 151 4.23 -0.24 -17.66
C ILE A 151 4.55 1.21 -17.31
N ILE A 152 3.51 2.01 -17.09
CA ILE A 152 3.70 3.42 -16.75
C ILE A 152 4.63 3.58 -15.55
N PHE A 153 4.40 2.79 -14.50
CA PHE A 153 5.21 2.96 -13.30
C PHE A 153 6.65 2.50 -13.53
N LYS A 154 6.83 1.32 -14.12
CA LYS A 154 8.18 0.79 -14.27
C LYS A 154 9.05 1.66 -15.15
N ARG A 155 8.45 2.46 -16.03
CA ARG A 155 9.26 3.31 -16.89
C ARG A 155 10.05 4.35 -16.09
N GLN A 156 9.50 4.81 -14.96
CA GLN A 156 10.02 5.98 -14.24
C GLN A 156 11.07 5.58 -13.21
N GLU A 157 12.22 6.28 -13.21
CA GLU A 157 13.37 5.88 -12.40
C GLU A 157 13.34 6.62 -11.05
N THR A 158 12.33 6.31 -10.23
CA THR A 158 12.28 6.79 -8.86
C THR A 158 11.72 5.70 -7.95
N LYS A 159 12.21 5.67 -6.71
CA LYS A 159 11.78 4.66 -5.75
C LYS A 159 10.26 4.59 -5.61
N GLU A 160 9.58 5.73 -5.56
CA GLU A 160 8.14 5.71 -5.38
CA GLU A 160 8.12 5.72 -5.39
C GLU A 160 7.44 5.03 -6.56
N ALA A 161 7.89 5.32 -7.78
CA ALA A 161 7.30 4.70 -8.95
C ALA A 161 7.58 3.20 -9.00
N GLN A 162 8.82 2.80 -8.71
CA GLN A 162 9.14 1.38 -8.67
C GLN A 162 8.30 0.63 -7.63
N LEU A 163 8.02 1.24 -6.49
CA LEU A 163 7.19 0.53 -5.53
C LEU A 163 5.75 0.49 -5.98
N TYR A 164 5.28 1.53 -6.67
CA TYR A 164 3.98 1.41 -7.34
C TYR A 164 3.98 0.28 -8.36
N ALA A 165 5.04 0.17 -9.15
CA ALA A 165 5.12 -0.93 -10.11
C ALA A 165 5.05 -2.27 -9.40
N ALA A 166 5.75 -2.39 -8.27
CA ALA A 166 5.63 -3.62 -7.49
C ALA A 166 4.19 -3.84 -7.05
N GLN A 167 3.48 -2.76 -6.74
CA GLN A 167 2.10 -2.93 -6.31
C GLN A 167 1.22 -3.39 -7.46
N ALA A 168 1.48 -2.84 -8.65
CA ALA A 168 0.73 -3.28 -9.82
C ALA A 168 0.97 -4.76 -10.06
N HIS A 169 2.24 -5.19 -9.95
CA HIS A 169 2.57 -6.61 -10.06
C HIS A 169 1.81 -7.44 -9.04
N LEU A 170 1.80 -6.99 -7.79
CA LEU A 170 1.08 -7.70 -6.75
C LEU A 170 -0.39 -7.88 -7.14
N LYS A 171 -1.03 -6.82 -7.61
CA LYS A 171 -2.44 -6.98 -8.00
C LYS A 171 -2.59 -7.84 -9.25
N LEU A 172 -1.62 -7.80 -10.18
CA LEU A 172 -1.66 -8.70 -11.33
C LEU A 172 -1.60 -10.14 -10.85
N GLY A 173 -0.80 -10.40 -9.83
CA GLY A 173 -0.77 -11.72 -9.24
C GLY A 173 -2.10 -12.11 -8.63
N GLU A 174 -2.75 -11.17 -7.95
CA GLU A 174 -4.05 -11.48 -7.36
C GLU A 174 -5.11 -11.75 -8.42
N VAL A 175 -5.14 -10.95 -9.49
CA VAL A 175 -6.03 -11.25 -10.61
C VAL A 175 -5.72 -12.64 -11.18
N SER A 176 -4.43 -12.96 -11.36
CA SER A 176 -4.05 -14.28 -11.86
C SER A 176 -4.56 -15.38 -10.97
N VAL A 177 -4.47 -15.20 -9.64
CA VAL A 177 -5.00 -16.20 -8.71
C VAL A 177 -6.50 -16.36 -8.92
N GLU A 178 -7.24 -15.26 -8.93
CA GLU A 178 -8.69 -15.35 -9.13
C GLU A 178 -9.06 -15.96 -10.47
N SER A 179 -8.12 -16.14 -11.37
CA SER A 179 -8.40 -16.78 -12.65
C SER A 179 -7.92 -18.21 -12.70
N GLU A 180 -7.54 -18.80 -11.55
CA GLU A 180 -7.01 -20.16 -11.50
C GLU A 180 -5.78 -20.32 -12.41
N ASN A 181 -4.90 -19.32 -12.36
CA ASN A 181 -3.73 -19.19 -13.22
C ASN A 181 -2.50 -19.04 -12.34
N TYR A 182 -2.16 -20.11 -11.64
CA TYR A 182 -1.24 -20.00 -10.52
C TYR A 182 0.21 -19.83 -10.94
N VAL A 183 0.61 -20.37 -12.08
CA VAL A 183 1.95 -20.15 -12.59
C VAL A 183 2.19 -18.67 -12.87
N GLN A 184 1.22 -18.02 -13.51
CA GLN A 184 1.37 -16.59 -13.77
C GLN A 184 1.35 -15.82 -12.46
N ALA A 185 0.50 -16.23 -11.52
CA ALA A 185 0.49 -15.64 -10.19
C ALA A 185 1.88 -15.66 -9.59
N VAL A 186 2.54 -16.82 -9.66
CA VAL A 186 3.87 -16.94 -9.10
C VAL A 186 4.83 -15.98 -9.77
N GLU A 187 4.76 -15.89 -11.09
CA GLU A 187 5.62 -14.94 -11.79
C GLU A 187 5.39 -13.51 -11.30
N GLU A 188 4.12 -13.11 -11.17
CA GLU A 188 3.84 -11.72 -10.81
C GLU A 188 4.29 -11.41 -9.38
N PHE A 189 4.03 -12.33 -8.45
CA PHE A 189 4.44 -12.07 -7.07
C PHE A 189 5.95 -12.03 -6.97
N GLN A 190 6.63 -12.86 -7.75
CA GLN A 190 8.09 -12.80 -7.76
C GLN A 190 8.56 -11.45 -8.29
N SER A 191 7.94 -10.95 -9.35
CA SER A 191 8.33 -9.63 -9.85
C SER A 191 8.16 -8.57 -8.76
N CYS A 192 7.03 -8.62 -8.04
CA CYS A 192 6.80 -7.67 -6.98
C CYS A 192 7.88 -7.77 -5.90
N LEU A 193 8.16 -8.99 -5.44
CA LEU A 193 9.16 -9.18 -4.41
C LEU A 193 10.53 -8.68 -4.84
N ASN A 194 10.90 -8.95 -6.10
CA ASN A 194 12.20 -8.51 -6.60
C ASN A 194 12.31 -7.00 -6.52
N LEU A 195 11.27 -6.28 -6.97
CA LEU A 195 11.31 -4.84 -6.87
C LEU A 195 11.40 -4.38 -5.41
N GLN A 196 10.62 -5.01 -4.52
CA GLN A 196 10.58 -4.50 -3.16
C GLN A 196 11.90 -4.72 -2.43
N GLU A 197 12.60 -5.83 -2.73
CA GLU A 197 13.84 -6.10 -2.02
C GLU A 197 14.95 -5.11 -2.35
N GLN A 198 14.76 -4.25 -3.36
CA GLN A 198 15.73 -3.23 -3.71
C GLN A 198 15.53 -1.94 -2.94
N TYR A 199 14.32 -1.71 -2.41
CA TYR A 199 13.98 -0.42 -1.86
C TYR A 199 13.39 -0.45 -0.45
N LEU A 200 13.06 -1.61 0.10
CA LEU A 200 12.46 -1.68 1.42
C LEU A 200 13.46 -2.24 2.44
N GLU A 201 13.27 -1.83 3.69
CA GLU A 201 14.05 -2.40 4.77
C GLU A 201 13.59 -3.83 5.04
N ALA A 202 14.52 -4.65 5.51
CA ALA A 202 14.30 -6.09 5.60
C ALA A 202 13.16 -6.51 6.53
N HIS A 203 12.57 -5.54 7.23
CA HIS A 203 11.46 -5.82 8.14
C HIS A 203 10.20 -5.06 7.75
N ASP A 204 10.15 -4.51 6.55
CA ASP A 204 8.93 -3.87 6.05
C ASP A 204 7.79 -4.87 5.98
N ARG A 205 6.64 -4.49 6.51
CA ARG A 205 5.46 -5.36 6.49
C ARG A 205 5.17 -5.89 5.09
N LEU A 206 5.40 -5.04 4.08
CA LEU A 206 5.06 -5.36 2.71
C LEU A 206 5.76 -6.62 2.23
N LEU A 207 7.04 -6.77 2.59
CA LEU A 207 7.77 -7.97 2.22
C LEU A 207 7.11 -9.22 2.83
N ALA A 208 6.66 -9.12 4.09
CA ALA A 208 6.00 -10.27 4.69
C ALA A 208 4.74 -10.62 3.93
N GLU A 209 3.97 -9.60 3.53
CA GLU A 209 2.74 -9.86 2.81
CA GLU A 209 2.73 -9.84 2.80
C GLU A 209 3.00 -10.44 1.42
N THR A 210 4.07 -9.99 0.74
CA THR A 210 4.40 -10.56 -0.56
C THR A 210 4.85 -12.02 -0.43
N HIS A 211 5.79 -12.30 0.47
CA HIS A 211 6.14 -13.68 0.72
C HIS A 211 4.90 -14.52 0.99
N TYR A 212 3.95 -14.00 1.76
CA TYR A 212 2.77 -14.82 2.08
C TYR A 212 1.96 -15.09 0.81
N GLN A 213 1.73 -14.06 0.00
CA GLN A 213 0.98 -14.26 -1.23
C GLN A 213 1.70 -15.24 -2.17
N LEU A 214 3.01 -15.11 -2.27
CA LEU A 214 3.80 -16.01 -3.10
C LEU A 214 3.67 -17.44 -2.61
N GLY A 215 3.76 -17.64 -1.30
CA GLY A 215 3.60 -18.97 -0.76
C GLY A 215 2.23 -19.55 -1.04
N LEU A 216 1.20 -18.73 -0.92
CA LEU A 216 -0.14 -19.19 -1.29
C LEU A 216 -0.17 -19.68 -2.72
N ALA A 217 0.29 -18.82 -3.66
CA ALA A 217 0.23 -19.18 -5.07
C ALA A 217 0.97 -20.49 -5.33
N TYR A 218 2.16 -20.62 -4.76
CA TYR A 218 2.90 -21.88 -4.85
C TYR A 218 2.04 -23.06 -4.43
N GLY A 219 1.38 -22.94 -3.27
CA GLY A 219 0.54 -24.02 -2.79
C GLY A 219 -0.59 -24.36 -3.75
N TYR A 220 -1.24 -23.33 -4.31
CA TYR A 220 -2.35 -23.59 -5.24
C TYR A 220 -1.86 -24.40 -6.42
N ASN A 221 -0.60 -24.26 -6.75
CA ASN A 221 0.01 -24.97 -7.87
C ASN A 221 0.69 -26.25 -7.43
N SER A 222 0.48 -26.67 -6.18
CA SER A 222 0.99 -27.93 -5.66
C SER A 222 2.50 -27.96 -5.54
N GLN A 223 3.17 -26.81 -5.53
CA GLN A 223 4.61 -26.78 -5.29
C GLN A 223 4.83 -26.54 -3.80
N TYR A 224 4.64 -27.61 -3.03
CA TYR A 224 4.43 -27.43 -1.60
C TYR A 224 5.73 -27.10 -0.86
N ASP A 225 6.87 -27.57 -1.36
CA ASP A 225 8.11 -27.23 -0.69
C ASP A 225 8.45 -25.75 -0.89
N GLU A 226 8.27 -25.26 -2.12
CA GLU A 226 8.43 -23.83 -2.38
C GLU A 226 7.48 -23.01 -1.51
N ALA A 227 6.24 -23.49 -1.34
CA ALA A 227 5.25 -22.80 -0.53
C ALA A 227 5.71 -22.71 0.92
N VAL A 228 6.16 -23.83 1.49
CA VAL A 228 6.68 -23.80 2.85
C VAL A 228 7.82 -22.80 2.96
N ALA A 229 8.71 -22.78 1.97
CA ALA A 229 9.84 -21.85 2.04
C ALA A 229 9.34 -20.41 2.16
N GLN A 230 8.36 -20.04 1.34
CA GLN A 230 7.88 -18.66 1.33
C GLN A 230 7.13 -18.33 2.62
N PHE A 231 6.34 -19.29 3.14
CA PHE A 231 5.65 -19.06 4.40
C PHE A 231 6.65 -18.79 5.53
N SER A 232 7.73 -19.58 5.58
CA SER A 232 8.75 -19.37 6.59
C SER A 232 9.42 -18.00 6.44
N LYS A 233 9.70 -17.57 5.21
CA LYS A 233 10.25 -16.23 5.01
CA LYS A 233 10.26 -16.23 5.03
C LYS A 233 9.29 -15.17 5.54
N SER A 234 8.00 -15.34 5.28
CA SER A 234 7.00 -14.41 5.78
C SER A 234 7.05 -14.34 7.31
N ILE A 235 7.13 -15.50 7.95
CA ILE A 235 7.15 -15.53 9.41
C ILE A 235 8.38 -14.81 9.92
N GLU A 236 9.53 -15.06 9.27
CA GLU A 236 10.78 -14.45 9.70
C GLU A 236 10.68 -12.93 9.68
N VAL A 237 10.11 -12.38 8.60
CA VAL A 237 9.95 -10.94 8.51
C VAL A 237 9.01 -10.43 9.60
N ILE A 238 7.90 -11.13 9.83
CA ILE A 238 6.94 -10.65 10.83
C ILE A 238 7.58 -10.63 12.23
N GLU A 239 8.36 -11.66 12.54
CA GLU A 239 9.00 -11.70 13.86
C GLU A 239 10.06 -10.61 13.99
N ASN A 240 10.84 -10.39 12.94
CA ASN A 240 11.88 -9.37 13.00
C ASN A 240 11.24 -7.97 13.13
N ARG A 241 10.12 -7.76 12.44
CA ARG A 241 9.40 -6.51 12.57
C ARG A 241 8.87 -6.33 13.98
N MET A 242 8.36 -7.39 14.57
CA MET A 242 7.87 -7.28 15.93
C MET A 242 8.97 -6.84 16.87
N ALA A 243 10.17 -7.43 16.72
CA ALA A 243 11.32 -6.99 17.49
C ALA A 243 11.59 -5.50 17.32
N VAL A 244 11.68 -5.05 16.07
CA VAL A 244 11.95 -3.64 15.82
C VAL A 244 10.89 -2.75 16.48
N LEU A 245 9.62 -3.14 16.37
CA LEU A 245 8.57 -2.32 16.95
C LEU A 245 8.70 -2.27 18.46
N ASN A 246 9.11 -3.40 19.06
CA ASN A 246 9.31 -3.40 20.50
C ASN A 246 10.39 -2.41 20.91
N GLU A 247 11.48 -2.38 20.14
CA GLU A 247 12.52 -1.40 20.42
C GLU A 247 11.98 0.02 20.29
N GLN A 248 11.18 0.28 19.24
CA GLN A 248 10.65 1.62 19.06
C GLN A 248 9.71 2.00 20.21
N VAL A 249 8.96 1.04 20.74
CA VAL A 249 8.11 1.31 21.90
C VAL A 249 8.97 1.70 23.10
N LYS A 250 10.02 0.91 23.38
CA LYS A 250 10.88 1.22 24.51
C LYS A 250 11.46 2.62 24.37
N GLU A 251 11.93 2.96 23.17
CA GLU A 251 12.49 4.30 22.96
C GLU A 251 11.45 5.40 23.18
N ALA A 252 10.25 5.23 22.60
CA ALA A 252 9.25 6.28 22.67
C ALA A 252 8.82 6.50 24.11
N GLU A 253 8.71 5.42 24.88
CA GLU A 253 8.26 5.55 26.26
C GLU A 253 9.36 6.12 27.15
N GLY A 254 10.63 5.78 26.86
CA GLY A 254 11.73 6.43 27.53
C GLY A 254 11.74 7.94 27.31
N SER A 255 11.62 8.36 26.04
CA SER A 255 11.55 9.79 25.76
C SER A 255 10.37 10.44 26.47
N SER A 256 9.23 9.77 26.49
CA SER A 256 8.06 10.39 27.12
C SER A 256 8.32 10.62 28.60
N ALA A 257 9.00 9.66 29.24
CA ALA A 257 9.34 9.81 30.65
C ALA A 257 10.32 10.96 30.87
N GLU A 258 11.34 11.07 30.01
CA GLU A 258 12.27 12.19 30.08
C GLU A 258 11.54 13.52 30.06
N TYR A 259 10.71 13.71 29.02
CA TYR A 259 10.00 14.98 28.86
C TYR A 259 9.10 15.27 30.06
N LYS A 260 8.38 14.25 30.58
CA LYS A 260 7.51 14.49 31.74
C LYS A 260 8.32 14.93 32.95
N LYS A 261 9.51 14.34 33.13
CA LYS A 261 10.34 14.73 34.27
C LYS A 261 10.83 16.17 34.14
N GLU A 262 11.28 16.56 32.94
CA GLU A 262 11.69 17.95 32.74
C GLU A 262 10.51 18.90 32.97
N ILE A 263 9.31 18.52 32.54
CA ILE A 263 8.14 19.35 32.75
C ILE A 263 7.95 19.61 34.23
N GLU A 264 8.10 18.57 35.04
CA GLU A 264 7.91 18.74 36.48
C GLU A 264 8.95 19.68 37.08
N GLU A 265 10.21 19.52 36.65
CA GLU A 265 11.27 20.42 37.13
C GLU A 265 10.94 21.88 36.82
N LEU A 266 10.60 22.16 35.55
CA LEU A 266 10.24 23.53 35.17
C LEU A 266 9.09 24.07 36.01
N LYS A 267 8.08 23.23 36.24
CA LYS A 267 6.92 23.66 37.02
C LYS A 267 7.33 24.08 38.42
N GLU A 268 8.23 23.32 39.06
CA GLU A 268 8.69 23.65 40.41
CA GLU A 268 8.62 23.71 40.41
C GLU A 268 9.66 24.83 40.42
N LEU A 269 10.20 25.22 39.26
CA LEU A 269 11.07 26.39 39.19
C LEU A 269 10.27 27.69 39.16
N LEU A 270 9.17 27.71 38.40
CA LEU A 270 8.41 28.93 38.16
C LEU A 270 8.10 29.77 39.40
N PRO A 271 7.49 29.24 40.46
CA PRO A 271 7.09 30.15 41.54
C PRO A 271 8.26 30.80 42.27
N GLU A 272 9.45 30.18 42.28
CA GLU A 272 10.59 30.85 42.89
C GLU A 272 10.95 32.12 42.12
N ILE A 273 10.97 32.04 40.79
CA ILE A 273 11.16 33.22 39.96
C ILE A 273 10.07 34.25 40.21
N ARG A 274 8.82 33.78 40.30
CA ARG A 274 7.74 34.74 40.53
C ARG A 274 7.92 35.48 41.86
N GLU A 275 8.35 34.77 42.90
CA GLU A 275 8.64 35.45 44.15
C GLU A 275 9.80 36.42 44.00
N LYS A 276 10.77 36.11 43.14
CA LYS A 276 11.86 37.06 42.96
C LYS A 276 11.37 38.31 42.26
N ILE A 277 10.39 38.16 41.36
CA ILE A 277 9.78 39.33 40.72
C ILE A 277 9.07 40.18 41.77
N GLU A 278 8.23 39.55 42.58
CA GLU A 278 7.55 40.26 43.67
C GLU A 278 8.55 41.03 44.53
N ASP A 279 9.58 40.34 45.01
CA ASP A 279 10.57 40.98 45.88
C ASP A 279 11.29 42.13 45.17
N ALA A 280 11.52 42.01 43.87
CA ALA A 280 12.20 43.10 43.17
C ALA A 280 11.30 44.32 43.03
N LYS A 281 9.99 44.12 42.88
CA LYS A 281 9.07 45.24 42.73
C LYS A 281 8.96 46.03 44.03
N GLU A 282 8.82 45.33 45.16
CA GLU A 282 8.72 45.97 46.45
C GLU A 282 10.01 46.65 46.89
N SER A 283 11.12 46.38 46.20
CA SER A 283 12.40 47.00 46.53
C SER A 283 12.43 48.44 46.03
C1 GOL B . 17.18 28.24 36.05
O1 GOL B . 16.26 27.85 35.04
C2 GOL B . 16.38 28.35 37.36
O2 GOL B . 15.38 29.32 37.27
C3 GOL B . 17.40 28.56 38.53
O3 GOL B . 16.64 28.67 39.74
C1 GOL C . -7.01 -12.40 -17.44
O1 GOL C . -8.18 -12.88 -16.82
C2 GOL C . -5.88 -13.49 -17.27
O2 GOL C . -5.54 -13.74 -15.92
C3 GOL C . -4.67 -12.95 -18.15
O3 GOL C . -3.56 -13.79 -17.91
C1 GOL D . -8.82 -19.21 -3.54
O1 GOL D . -9.21 -18.07 -4.27
C2 GOL D . -9.00 -20.44 -4.47
O2 GOL D . -8.24 -20.34 -5.63
C3 GOL D . -8.64 -21.70 -3.58
O3 GOL D . -8.72 -22.86 -4.38
C1 GOL E . 8.56 1.62 9.66
O1 GOL E . 8.67 1.17 11.00
C2 GOL E . 8.48 0.36 8.71
O2 GOL E . 7.48 0.43 7.73
C3 GOL E . 9.95 0.10 8.15
O3 GOL E . 10.30 1.12 7.24
C1 GOL F . 9.38 5.63 13.04
O1 GOL F . 8.81 4.39 12.67
C2 GOL F . 10.89 5.40 13.39
O2 GOL F . 11.19 5.81 14.70
C3 GOL F . 11.69 6.21 12.31
O3 GOL F . 12.79 5.40 11.91
CA CA G . 9.27 36.85 49.88
CA CA H . -7.21 -8.80 -23.20
C1 PEG I . -3.38 13.08 -10.86
O1 PEG I . -2.95 11.92 -10.14
C2 PEG I . -3.07 12.99 -12.34
O2 PEG I . -2.24 14.07 -12.74
C3 PEG I . -1.04 14.18 -11.96
C4 PEG I . 0.16 14.06 -12.86
O4 PEG I . 0.96 12.94 -12.50
C1 PEG J . -12.57 -8.77 -27.24
O1 PEG J . -13.47 -8.93 -26.15
C2 PEG J . -11.20 -9.31 -26.95
O2 PEG J . -10.47 -8.39 -26.14
C3 PEG J . -10.18 -7.18 -26.83
C4 PEG J . -9.71 -6.14 -25.85
O4 PEG J . -10.43 -4.93 -26.00
#